data_1SIR
#
_entry.id   1SIR
#
_cell.length_a   116.722
_cell.length_b   116.722
_cell.length_c   128.034
_cell.angle_alpha   90.00
_cell.angle_beta   90.00
_cell.angle_gamma   120.00
#
_symmetry.space_group_name_H-M   'P 64 2 2'
#
loop_
_entity.id
_entity.type
_entity.pdbx_description
1 polymer 'Glutaryl-CoA dehydrogenase'
2 non-polymer 'FLAVIN-ADENINE DINUCLEOTIDE'
3 non-polymer S-4-NITROBUTYRYL-COA
4 water water
#
_entity_poly.entity_id   1
_entity_poly.type   'polypeptide(L)'
_entity_poly.pdbx_seq_one_letter_code
;RPEFDWQDPLVLEEQLTTDEILIRDTFRTYCQERLMPRILLANRNEVFHREIISEMGELGVLGPTIKGYGCAGVSSVAYG
LLARELERVDSGYRSAMSVQSSLVMHPIYAYGSEEQRQKYLPQLAKGELLGCFGLTEPNSGSDPSSMETRAHYNSSNKSY
TLNGTKTWITNSPMADLFVVWARCEDGCIRGFLLEKGMRGLSAPRIQGKFSLRASATGMIIMDGVEVPEENVLPGASSLG
GPFGCLNNARYGIAWGVLGASEFCLHTARQYALDRMQFGVPLARNQLIQKKLADMLTEITLGLHACLQLGRLKDQDKAAP
EMVSLLKRNNCGKALDIARQARDMLGGNGISDEYHVIRHAMNLEAVNTYEGTHDIHALILGRAITGIQAFTASK
;
_entity_poly.pdbx_strand_id   A
#
loop_
_chem_comp.id
_chem_comp.type
_chem_comp.name
_chem_comp.formula
FAD non-polymer 'FLAVIN-ADENINE DINUCLEOTIDE' 'C27 H33 N9 O15 P2'
NBC non-polymer S-4-NITROBUTYRYL-COA 'C25 H41 N8 O19 P3 S'
#
# COMPACT_ATOMS: atom_id res chain seq x y z
N GLU A 3 -21.08 19.88 -21.17
CA GLU A 3 -21.05 19.89 -19.68
C GLU A 3 -20.42 18.63 -19.14
N PHE A 4 -19.81 17.86 -20.02
CA PHE A 4 -19.15 16.62 -19.64
C PHE A 4 -17.66 16.88 -19.48
N ASP A 5 -17.12 16.44 -18.35
CA ASP A 5 -15.71 16.61 -18.03
C ASP A 5 -15.04 15.24 -17.95
N TRP A 6 -14.16 14.92 -18.90
CA TRP A 6 -13.54 13.61 -18.89
C TRP A 6 -12.65 13.37 -17.68
N GLN A 7 -12.25 14.44 -17.00
CA GLN A 7 -11.40 14.27 -15.83
C GLN A 7 -12.21 13.86 -14.60
N ASP A 8 -13.53 13.93 -14.72
CA ASP A 8 -14.44 13.54 -13.64
C ASP A 8 -15.82 13.29 -14.23
N PRO A 9 -15.94 12.24 -15.05
CA PRO A 9 -17.17 11.83 -15.71
C PRO A 9 -18.43 11.93 -14.87
N LEU A 10 -18.42 11.26 -13.72
CA LEU A 10 -19.58 11.25 -12.83
C LEU A 10 -19.50 12.23 -11.68
N VAL A 11 -18.74 13.30 -11.85
CA VAL A 11 -18.63 14.33 -10.82
C VAL A 11 -18.34 13.79 -9.42
N LEU A 12 -17.16 13.25 -9.22
CA LEU A 12 -16.79 12.74 -7.92
C LEU A 12 -16.72 13.92 -6.95
N GLU A 13 -16.10 15.00 -7.44
CA GLU A 13 -15.91 16.22 -6.68
C GLU A 13 -17.05 16.62 -5.74
N GLU A 14 -18.25 16.76 -6.27
CA GLU A 14 -19.39 17.16 -5.46
C GLU A 14 -19.79 16.10 -4.44
N GLN A 15 -18.94 15.11 -4.23
CA GLN A 15 -19.24 14.06 -3.26
C GLN A 15 -18.23 14.17 -2.13
N LEU A 16 -17.28 15.09 -2.28
CA LEU A 16 -16.25 15.29 -1.28
C LEU A 16 -16.53 16.51 -0.40
N THR A 17 -16.23 16.39 0.89
CA THR A 17 -16.43 17.51 1.79
C THR A 17 -15.31 18.49 1.54
N THR A 18 -15.51 19.73 1.98
CA THR A 18 -14.50 20.76 1.79
C THR A 18 -13.15 20.37 2.39
N ASP A 19 -13.18 19.69 3.53
CA ASP A 19 -11.93 19.28 4.16
C ASP A 19 -11.23 18.32 3.24
N GLU A 20 -11.93 17.25 2.88
CA GLU A 20 -11.39 16.23 1.99
C GLU A 20 -10.75 16.88 0.77
N ILE A 21 -11.49 17.76 0.10
CA ILE A 21 -10.97 18.42 -1.09
C ILE A 21 -9.71 19.25 -0.80
N LEU A 22 -9.70 19.92 0.35
CA LEU A 22 -8.56 20.73 0.73
C LEU A 22 -7.34 19.86 0.90
N ILE A 23 -7.51 18.77 1.65
CA ILE A 23 -6.44 17.81 1.94
C ILE A 23 -5.85 17.25 0.64
N ARG A 24 -6.73 16.84 -0.27
CA ARG A 24 -6.27 16.30 -1.53
C ARG A 24 -5.43 17.33 -2.25
N ASP A 25 -6.00 18.50 -2.48
CA ASP A 25 -5.29 19.56 -3.20
C ASP A 25 -3.95 19.93 -2.57
N THR A 26 -3.92 19.97 -1.24
CA THR A 26 -2.72 20.31 -0.51
C THR A 26 -1.64 19.27 -0.80
N PHE A 27 -2.02 18.01 -0.64
CA PHE A 27 -1.08 16.90 -0.85
C PHE A 27 -0.63 16.85 -2.31
N ARG A 28 -1.58 16.93 -3.22
CA ARG A 28 -1.25 16.88 -4.64
C ARG A 28 -0.13 17.85 -4.96
N THR A 29 -0.16 19.02 -4.32
CA THR A 29 0.85 20.04 -4.55
C THR A 29 2.23 19.54 -4.13
N TYR A 30 2.28 18.89 -2.97
CA TYR A 30 3.52 18.36 -2.46
C TYR A 30 4.05 17.27 -3.39
N CYS A 31 3.17 16.32 -3.74
CA CYS A 31 3.53 15.21 -4.61
C CYS A 31 4.08 15.65 -5.95
N GLN A 32 3.48 16.69 -6.54
CA GLN A 32 3.92 17.18 -7.84
C GLN A 32 5.18 18.06 -7.80
N GLU A 33 5.37 18.79 -6.72
CA GLU A 33 6.52 19.67 -6.59
C GLU A 33 7.73 19.01 -5.95
N ARG A 34 7.48 18.07 -5.05
CA ARG A 34 8.57 17.39 -4.35
C ARG A 34 8.83 15.94 -4.74
N LEU A 35 7.79 15.16 -4.99
CA LEU A 35 7.98 13.77 -5.37
C LEU A 35 8.22 13.49 -6.85
N MET A 36 7.34 13.98 -7.73
CA MET A 36 7.50 13.72 -9.17
C MET A 36 8.89 14.06 -9.70
N PRO A 37 9.47 15.19 -9.26
CA PRO A 37 10.80 15.52 -9.77
C PRO A 37 11.96 14.65 -9.32
N ARG A 38 11.74 13.75 -8.36
CA ARG A 38 12.82 12.87 -7.92
C ARG A 38 12.60 11.40 -8.26
N ILE A 39 11.50 11.09 -8.94
CA ILE A 39 11.17 9.72 -9.29
C ILE A 39 11.93 9.07 -10.45
N LEU A 40 12.22 9.83 -11.49
CA LEU A 40 12.92 9.24 -12.64
C LEU A 40 14.18 8.51 -12.24
N LEU A 41 15.09 9.20 -11.55
CA LEU A 41 16.35 8.61 -11.14
C LEU A 41 16.26 7.72 -9.90
N ALA A 42 15.27 7.96 -9.04
CA ALA A 42 15.12 7.15 -7.85
C ALA A 42 14.68 5.75 -8.25
N ASN A 43 13.87 5.69 -9.31
CA ASN A 43 13.39 4.41 -9.80
C ASN A 43 14.50 3.76 -10.62
N ARG A 44 15.12 4.56 -11.47
CA ARG A 44 16.17 4.06 -12.34
C ARG A 44 17.34 3.46 -11.57
N ASN A 45 17.68 4.07 -10.44
CA ASN A 45 18.80 3.58 -9.64
C ASN A 45 18.42 2.96 -8.29
N GLU A 46 17.16 2.57 -8.15
CA GLU A 46 16.71 1.95 -6.90
C GLU A 46 17.08 2.73 -5.66
N VAL A 47 16.85 4.03 -5.68
CA VAL A 47 17.16 4.87 -4.52
C VAL A 47 15.88 5.28 -3.79
N PHE A 48 15.90 5.11 -2.48
CA PHE A 48 14.74 5.48 -1.66
C PHE A 48 15.15 6.59 -0.71
N HIS A 49 14.56 7.76 -0.91
CA HIS A 49 14.86 8.91 -0.06
C HIS A 49 14.12 8.82 1.27
N ARG A 50 14.86 8.50 2.32
CA ARG A 50 14.29 8.38 3.66
C ARG A 50 13.56 9.66 4.07
N GLU A 51 14.02 10.79 3.53
CA GLU A 51 13.44 12.10 3.82
C GLU A 51 11.95 12.14 3.53
N ILE A 52 11.55 11.47 2.46
CA ILE A 52 10.15 11.41 2.05
C ILE A 52 9.19 11.11 3.21
N ILE A 53 9.64 10.32 4.17
CA ILE A 53 8.82 9.98 5.33
C ILE A 53 8.76 11.13 6.32
N SER A 54 9.88 11.83 6.47
CA SER A 54 9.93 12.97 7.36
C SER A 54 9.04 14.05 6.76
N GLU A 55 9.20 14.29 5.46
CA GLU A 55 8.41 15.29 4.77
C GLU A 55 6.92 15.01 4.95
N MET A 56 6.51 13.78 4.67
CA MET A 56 5.12 13.40 4.81
C MET A 56 4.73 13.48 6.28
N GLY A 57 5.74 13.32 7.14
CA GLY A 57 5.49 13.40 8.57
C GLY A 57 5.06 14.81 8.90
N GLU A 58 5.73 15.80 8.31
CA GLU A 58 5.39 17.20 8.53
C GLU A 58 3.95 17.45 8.14
N LEU A 59 3.63 17.17 6.88
CA LEU A 59 2.27 17.38 6.40
C LEU A 59 1.21 16.68 7.26
N GLY A 60 1.62 15.72 8.08
CA GLY A 60 0.66 15.03 8.93
C GLY A 60 -0.20 14.03 8.18
N VAL A 61 0.39 13.47 7.12
CA VAL A 61 -0.29 12.50 6.28
C VAL A 61 -0.11 11.07 6.81
N LEU A 62 0.90 10.86 7.65
CA LEU A 62 1.14 9.55 8.22
C LEU A 62 0.04 9.16 9.22
N GLY A 63 -0.59 8.01 8.99
CA GLY A 63 -1.66 7.54 9.87
C GLY A 63 -2.68 8.64 10.08
N PRO A 64 -3.29 9.15 9.00
CA PRO A 64 -4.29 10.22 9.03
C PRO A 64 -5.65 9.93 9.65
N THR A 65 -6.04 8.67 9.72
CA THR A 65 -7.34 8.32 10.29
C THR A 65 -7.30 8.14 11.79
N ILE A 66 -6.09 8.07 12.36
CA ILE A 66 -5.96 7.90 13.79
C ILE A 66 -6.40 9.18 14.50
N LYS A 67 -7.16 9.01 15.58
CA LYS A 67 -7.65 10.14 16.37
C LYS A 67 -6.77 10.32 17.60
N GLY A 68 -5.92 11.34 17.58
CA GLY A 68 -5.03 11.61 18.69
C GLY A 68 -3.58 11.28 18.38
N TYR A 69 -2.73 11.33 19.40
CA TYR A 69 -1.31 11.01 19.26
C TYR A 69 -0.57 11.77 18.16
N GLY A 70 -1.04 12.97 17.84
CA GLY A 70 -0.41 13.77 16.81
C GLY A 70 -0.88 13.43 15.40
N CYS A 71 -2.03 12.77 15.31
CA CYS A 71 -2.58 12.39 14.01
C CYS A 71 -3.74 13.27 13.59
N ALA A 72 -3.86 13.50 12.29
CA ALA A 72 -4.91 14.34 11.72
C ALA A 72 -6.32 13.87 12.04
N GLY A 73 -6.49 12.57 12.23
CA GLY A 73 -7.82 12.07 12.54
C GLY A 73 -8.83 12.45 11.47
N VAL A 74 -8.49 12.17 10.21
CA VAL A 74 -9.38 12.49 9.08
C VAL A 74 -10.22 11.29 8.67
N SER A 75 -10.97 11.42 7.57
CA SER A 75 -11.85 10.35 7.10
C SER A 75 -11.17 9.29 6.24
N SER A 76 -11.80 8.12 6.16
CA SER A 76 -11.28 7.02 5.35
C SER A 76 -11.19 7.50 3.91
N VAL A 77 -12.15 8.34 3.52
CA VAL A 77 -12.18 8.87 2.18
C VAL A 77 -10.95 9.74 1.94
N ALA A 78 -10.65 10.60 2.90
CA ALA A 78 -9.50 11.48 2.77
C ALA A 78 -8.22 10.63 2.66
N TYR A 79 -8.16 9.56 3.44
CA TYR A 79 -7.02 8.65 3.42
C TYR A 79 -6.91 8.10 2.00
N GLY A 80 -8.05 7.76 1.40
CA GLY A 80 -8.05 7.23 0.05
C GLY A 80 -7.56 8.27 -0.95
N LEU A 81 -8.07 9.49 -0.80
CA LEU A 81 -7.68 10.58 -1.68
C LEU A 81 -6.17 10.83 -1.61
N LEU A 82 -5.57 10.59 -0.44
CA LEU A 82 -4.15 10.80 -0.24
C LEU A 82 -3.33 9.76 -0.98
N ALA A 83 -3.72 8.50 -0.82
CA ALA A 83 -3.05 7.38 -1.46
C ALA A 83 -3.11 7.53 -2.98
N ARG A 84 -4.22 8.06 -3.47
CA ARG A 84 -4.41 8.27 -4.89
C ARG A 84 -3.43 9.30 -5.45
N GLU A 85 -3.19 10.37 -4.71
CA GLU A 85 -2.27 11.41 -5.17
C GLU A 85 -0.84 10.91 -5.12
N LEU A 86 -0.54 10.11 -4.11
CA LEU A 86 0.79 9.55 -3.95
C LEU A 86 1.07 8.56 -5.06
N GLU A 87 0.18 7.59 -5.23
CA GLU A 87 0.34 6.59 -6.27
C GLU A 87 0.35 7.22 -7.66
N ARG A 88 -0.28 8.39 -7.81
CA ARG A 88 -0.30 9.06 -9.10
C ARG A 88 1.13 9.39 -9.49
N VAL A 89 2.02 9.45 -8.51
CA VAL A 89 3.43 9.71 -8.78
C VAL A 89 4.15 8.36 -8.94
N ASP A 90 4.06 7.52 -7.91
CA ASP A 90 4.67 6.20 -7.95
C ASP A 90 4.18 5.27 -6.85
N SER A 91 3.94 4.02 -7.21
CA SER A 91 3.46 3.01 -6.28
C SER A 91 4.44 2.73 -5.14
N GLY A 92 5.73 2.87 -5.44
CA GLY A 92 6.75 2.64 -4.42
C GLY A 92 6.54 3.55 -3.25
N TYR A 93 6.36 4.84 -3.55
CA TYR A 93 6.12 5.83 -2.52
C TYR A 93 4.84 5.51 -1.74
N ARG A 94 3.74 5.32 -2.46
CA ARG A 94 2.49 5.00 -1.77
C ARG A 94 2.69 3.77 -0.89
N SER A 95 3.50 2.83 -1.32
CA SER A 95 3.75 1.61 -0.54
C SER A 95 4.35 1.91 0.83
N ALA A 96 5.28 2.84 0.87
CA ALA A 96 5.92 3.20 2.12
C ALA A 96 4.89 3.86 3.02
N MET A 97 4.06 4.73 2.45
CA MET A 97 3.04 5.41 3.21
C MET A 97 1.92 4.48 3.69
N SER A 98 1.71 3.36 2.99
CA SER A 98 0.68 2.37 3.36
C SER A 98 1.14 1.52 4.53
N VAL A 99 2.41 1.17 4.52
CA VAL A 99 2.97 0.36 5.57
C VAL A 99 2.99 1.20 6.85
N GLN A 100 3.58 2.39 6.76
CA GLN A 100 3.66 3.29 7.91
C GLN A 100 2.31 3.52 8.59
N SER A 101 1.30 3.86 7.78
CA SER A 101 -0.05 4.14 8.26
C SER A 101 -0.96 2.97 8.66
N SER A 102 -1.16 2.04 7.75
CA SER A 102 -2.05 0.91 8.02
C SER A 102 -1.42 -0.37 8.52
N LEU A 103 -0.10 -0.49 8.44
CA LEU A 103 0.52 -1.74 8.87
C LEU A 103 1.37 -1.61 10.13
N VAL A 104 1.75 -0.38 10.47
CA VAL A 104 2.55 -0.17 11.66
C VAL A 104 1.78 0.66 12.69
N MET A 105 1.42 1.87 12.31
CA MET A 105 0.69 2.74 13.22
C MET A 105 -0.67 2.17 13.61
N HIS A 106 -1.40 1.63 12.64
CA HIS A 106 -2.72 1.09 12.92
C HIS A 106 -2.72 -0.05 13.95
N PRO A 107 -1.89 -1.08 13.73
CA PRO A 107 -1.88 -2.19 14.70
C PRO A 107 -1.45 -1.77 16.10
N ILE A 108 -0.47 -0.86 16.18
CA ILE A 108 0.00 -0.37 17.47
C ILE A 108 -1.17 0.32 18.15
N TYR A 109 -1.89 1.12 17.37
CA TYR A 109 -3.03 1.87 17.85
C TYR A 109 -4.18 0.97 18.30
N ALA A 110 -4.55 0.01 17.46
CA ALA A 110 -5.67 -0.88 17.75
C ALA A 110 -5.40 -2.04 18.69
N TYR A 111 -4.20 -2.61 18.62
CA TYR A 111 -3.90 -3.77 19.46
C TYR A 111 -2.83 -3.53 20.50
N GLY A 112 -2.38 -2.29 20.64
CA GLY A 112 -1.34 -2.02 21.61
C GLY A 112 -1.80 -1.52 22.96
N SER A 113 -0.84 -1.37 23.87
CA SER A 113 -1.14 -0.86 25.20
C SER A 113 -0.93 0.66 25.12
N GLU A 114 -1.56 1.40 26.02
CA GLU A 114 -1.42 2.85 26.01
C GLU A 114 0.05 3.24 26.03
N GLU A 115 0.81 2.52 26.84
CA GLU A 115 2.24 2.77 26.97
C GLU A 115 2.89 2.74 25.59
N GLN A 116 2.58 1.69 24.81
CA GLN A 116 3.14 1.54 23.47
C GLN A 116 2.67 2.69 22.59
N ARG A 117 1.35 2.96 22.62
CA ARG A 117 0.78 4.06 21.84
C ARG A 117 1.54 5.36 22.14
N GLN A 118 1.58 5.74 23.41
CA GLN A 118 2.27 6.96 23.83
C GLN A 118 3.72 6.98 23.36
N LYS A 119 4.38 5.84 23.49
CA LYS A 119 5.79 5.73 23.12
C LYS A 119 6.10 5.75 21.63
N TYR A 120 5.20 5.24 20.79
CA TYR A 120 5.49 5.18 19.37
C TYR A 120 4.67 6.05 18.44
N LEU A 121 3.35 5.99 18.57
CA LEU A 121 2.47 6.75 17.68
C LEU A 121 2.95 8.16 17.34
N PRO A 122 3.37 8.94 18.34
CA PRO A 122 3.82 10.29 17.97
C PRO A 122 5.07 10.27 17.10
N GLN A 123 6.02 9.40 17.42
CA GLN A 123 7.27 9.34 16.64
C GLN A 123 6.99 8.92 15.20
N LEU A 124 6.11 7.94 15.04
CA LEU A 124 5.75 7.44 13.71
C LEU A 124 5.05 8.54 12.93
N ALA A 125 4.06 9.17 13.57
CA ALA A 125 3.29 10.23 12.93
C ALA A 125 4.17 11.36 12.40
N LYS A 126 5.21 11.74 13.15
CA LYS A 126 6.11 12.81 12.71
C LYS A 126 7.10 12.33 11.68
N GLY A 127 7.15 11.02 11.49
CA GLY A 127 8.07 10.45 10.54
C GLY A 127 9.49 10.35 11.07
N GLU A 128 9.62 10.20 12.38
CA GLU A 128 10.94 10.09 13.00
C GLU A 128 11.32 8.63 13.10
N LEU A 129 10.33 7.77 12.89
CA LEU A 129 10.53 6.34 12.96
C LEU A 129 9.96 5.66 11.72
N LEU A 130 10.84 5.08 10.91
CA LEU A 130 10.43 4.38 9.71
C LEU A 130 10.18 2.96 10.19
N GLY A 131 8.98 2.43 9.96
CA GLY A 131 8.67 1.08 10.41
C GLY A 131 8.32 0.12 9.28
N CYS A 132 8.11 -1.15 9.64
CA CYS A 132 7.74 -2.15 8.64
C CYS A 132 6.90 -3.24 9.27
N PHE A 133 6.22 -4.00 8.40
CA PHE A 133 5.30 -5.06 8.79
C PHE A 133 5.84 -6.42 8.34
N GLY A 134 6.23 -7.26 9.30
CA GLY A 134 6.78 -8.56 8.96
C GLY A 134 5.86 -9.75 9.10
N LEU A 135 5.22 -10.14 8.00
CA LEU A 135 4.32 -11.28 8.04
C LEU A 135 4.76 -12.39 7.08
N THR A 136 4.93 -12.04 5.82
CA THR A 136 5.33 -13.01 4.80
C THR A 136 6.68 -13.65 5.13
N GLU A 137 6.81 -14.92 4.76
CA GLU A 137 8.04 -15.69 4.97
C GLU A 137 8.33 -16.43 3.68
N PRO A 138 9.57 -16.91 3.51
CA PRO A 138 9.93 -17.63 2.29
C PRO A 138 8.96 -18.74 1.90
N ASN A 139 8.40 -19.43 2.89
CA ASN A 139 7.47 -20.52 2.64
C ASN A 139 6.06 -20.23 3.12
N SER A 140 5.75 -18.95 3.30
CA SER A 140 4.43 -18.59 3.76
C SER A 140 4.04 -17.26 3.17
N GLY A 141 3.10 -17.29 2.23
CA GLY A 141 2.67 -16.06 1.59
C GLY A 141 1.17 -15.97 1.55
N SER A 142 0.55 -16.68 0.62
CA SER A 142 -0.90 -16.68 0.52
C SER A 142 -1.48 -17.39 1.73
N ASP A 143 -0.67 -18.27 2.32
CA ASP A 143 -1.08 -19.06 3.49
C ASP A 143 -0.25 -18.72 4.74
N PRO A 144 -0.73 -17.77 5.55
CA PRO A 144 -0.04 -17.35 6.78
C PRO A 144 -0.09 -18.34 7.93
N SER A 145 -1.02 -19.28 7.87
CA SER A 145 -1.13 -20.28 8.94
C SER A 145 -0.06 -21.33 8.73
N SER A 146 0.91 -20.98 7.90
CA SER A 146 1.99 -21.89 7.60
C SER A 146 3.34 -21.27 7.97
N MET A 147 3.32 -20.11 8.61
CA MET A 147 4.56 -19.45 8.98
C MET A 147 5.39 -20.30 9.93
N GLU A 148 6.72 -20.15 9.82
CA GLU A 148 7.67 -20.91 10.63
C GLU A 148 8.37 -20.10 11.72
N THR A 149 8.13 -18.80 11.77
CA THR A 149 8.74 -17.95 12.78
C THR A 149 8.09 -18.22 14.15
N ARG A 150 8.85 -18.84 15.05
CA ARG A 150 8.36 -19.18 16.38
C ARG A 150 8.90 -18.23 17.44
N ALA A 151 8.08 -17.96 18.44
CA ALA A 151 8.46 -17.09 19.56
C ALA A 151 8.32 -17.89 20.84
N HIS A 152 9.45 -18.21 21.46
CA HIS A 152 9.44 -18.98 22.69
C HIS A 152 9.41 -18.09 23.92
N TYR A 153 8.68 -18.52 24.94
CA TYR A 153 8.55 -17.74 26.16
C TYR A 153 9.58 -18.10 27.23
N ASN A 154 10.13 -17.08 27.86
CA ASN A 154 11.13 -17.28 28.91
C ASN A 154 10.50 -16.86 30.24
N SER A 155 9.79 -17.79 30.86
CA SER A 155 9.14 -17.55 32.15
C SER A 155 10.02 -16.76 33.12
N SER A 156 11.32 -17.07 33.12
CA SER A 156 12.26 -16.40 33.99
C SER A 156 12.45 -14.92 33.69
N ASN A 157 13.00 -14.62 32.52
CA ASN A 157 13.29 -13.24 32.11
C ASN A 157 12.08 -12.43 31.62
N LYS A 158 10.90 -13.04 31.65
CA LYS A 158 9.68 -12.37 31.19
C LYS A 158 9.94 -11.78 29.82
N SER A 159 10.13 -12.66 28.84
CA SER A 159 10.41 -12.24 27.49
C SER A 159 10.26 -13.43 26.55
N TYR A 160 10.33 -13.15 25.26
CA TYR A 160 10.24 -14.20 24.24
C TYR A 160 11.51 -14.15 23.39
N THR A 161 11.89 -15.30 22.87
CA THR A 161 13.05 -15.38 22.00
C THR A 161 12.46 -15.73 20.63
N LEU A 162 12.73 -14.90 19.64
CA LEU A 162 12.19 -15.12 18.30
C LEU A 162 13.19 -15.69 17.29
N ASN A 163 12.73 -16.70 16.55
CA ASN A 163 13.55 -17.30 15.51
C ASN A 163 12.71 -17.40 14.26
N GLY A 164 13.26 -16.96 13.14
CA GLY A 164 12.53 -17.02 11.89
C GLY A 164 13.07 -16.05 10.86
N THR A 165 12.47 -16.07 9.68
CA THR A 165 12.87 -15.19 8.59
C THR A 165 11.65 -14.66 7.87
N LYS A 166 11.62 -13.34 7.68
CA LYS A 166 10.51 -12.71 6.98
C LYS A 166 11.16 -12.20 5.70
N THR A 167 10.51 -12.39 4.56
CA THR A 167 11.08 -11.91 3.33
C THR A 167 10.11 -11.03 2.55
N TRP A 168 10.64 -10.30 1.59
CA TRP A 168 9.85 -9.39 0.78
C TRP A 168 9.21 -8.35 1.69
N ILE A 169 9.98 -7.76 2.60
CA ILE A 169 9.40 -6.78 3.52
C ILE A 169 9.72 -5.35 3.11
N THR A 170 8.67 -4.54 2.96
CA THR A 170 8.82 -3.15 2.58
C THR A 170 9.38 -2.34 3.74
N ASN A 171 10.42 -1.56 3.45
CA ASN A 171 11.07 -0.70 4.43
C ASN A 171 12.02 -1.35 5.42
N SER A 172 12.04 -2.68 5.52
CA SER A 172 12.90 -3.34 6.49
C SER A 172 14.37 -2.89 6.49
N PRO A 173 14.98 -2.75 5.30
CA PRO A 173 16.38 -2.33 5.24
C PRO A 173 16.73 -1.05 5.97
N MET A 174 15.81 -0.09 6.00
CA MET A 174 16.10 1.15 6.70
C MET A 174 15.01 1.51 7.70
N ALA A 175 14.53 0.48 8.40
CA ALA A 175 13.49 0.67 9.39
C ALA A 175 14.07 0.79 10.79
N ASP A 176 13.29 1.38 11.69
CA ASP A 176 13.68 1.56 13.08
C ASP A 176 12.79 0.67 13.95
N LEU A 177 11.53 0.54 13.58
CA LEU A 177 10.59 -0.30 14.32
C LEU A 177 10.09 -1.44 13.42
N PHE A 178 10.02 -2.65 13.97
CA PHE A 178 9.55 -3.82 13.22
C PHE A 178 8.32 -4.47 13.85
N VAL A 179 7.21 -4.53 13.11
CA VAL A 179 6.02 -5.18 13.67
C VAL A 179 6.07 -6.60 13.13
N VAL A 180 6.50 -7.54 13.96
CA VAL A 180 6.64 -8.93 13.55
C VAL A 180 5.60 -9.86 14.15
N TRP A 181 5.16 -10.84 13.37
CA TRP A 181 4.18 -11.79 13.83
C TRP A 181 4.77 -13.20 13.82
N ALA A 182 4.69 -13.88 14.97
CA ALA A 182 5.22 -15.23 15.09
C ALA A 182 4.20 -16.12 15.78
N ARG A 183 4.34 -17.43 15.58
CA ARG A 183 3.45 -18.39 16.19
C ARG A 183 4.00 -18.72 17.58
N CYS A 184 3.12 -18.78 18.58
CA CYS A 184 3.57 -19.06 19.94
C CYS A 184 3.38 -20.50 20.36
N GLU A 185 3.96 -20.83 21.51
CA GLU A 185 3.89 -22.18 22.07
C GLU A 185 2.46 -22.56 22.42
N ASP A 186 1.61 -21.56 22.66
CA ASP A 186 0.22 -21.81 23.00
C ASP A 186 -0.59 -22.00 21.72
N GLY A 187 0.07 -21.81 20.58
CA GLY A 187 -0.59 -21.97 19.31
C GLY A 187 -1.05 -20.66 18.69
N CYS A 188 -1.26 -19.65 19.53
CA CYS A 188 -1.69 -18.36 19.03
C CYS A 188 -0.54 -17.63 18.36
N ILE A 189 -0.88 -16.66 17.51
CA ILE A 189 0.12 -15.89 16.81
C ILE A 189 -0.07 -14.44 17.26
N ARG A 190 0.98 -13.87 17.85
CA ARG A 190 0.92 -12.51 18.36
C ARG A 190 1.85 -11.59 17.60
N GLY A 191 1.78 -10.30 17.93
CA GLY A 191 2.64 -9.31 17.31
C GLY A 191 3.71 -8.84 18.26
N PHE A 192 4.93 -8.64 17.74
CA PHE A 192 6.03 -8.20 18.56
C PHE A 192 6.65 -6.95 17.98
N LEU A 193 7.08 -6.06 18.85
CA LEU A 193 7.71 -4.82 18.41
C LEU A 193 9.21 -4.97 18.60
N LEU A 194 9.96 -4.85 17.50
CA LEU A 194 11.41 -4.95 17.54
C LEU A 194 12.01 -3.64 17.08
N GLU A 195 13.25 -3.36 17.52
CA GLU A 195 13.92 -2.13 17.14
C GLU A 195 15.29 -2.41 16.55
N LYS A 196 15.74 -1.57 15.64
CA LYS A 196 17.05 -1.78 15.04
C LYS A 196 18.06 -1.82 16.18
N GLY A 197 19.03 -2.70 16.07
CA GLY A 197 20.02 -2.78 17.11
C GLY A 197 19.87 -3.97 18.04
N MET A 198 18.66 -4.52 18.11
CA MET A 198 18.47 -5.68 18.96
C MET A 198 19.41 -6.78 18.45
N ARG A 199 20.18 -7.35 19.36
CA ARG A 199 21.14 -8.40 19.01
C ARG A 199 20.40 -9.55 18.35
N GLY A 200 20.95 -10.03 17.24
CA GLY A 200 20.35 -11.14 16.54
C GLY A 200 19.44 -10.72 15.41
N LEU A 201 19.18 -9.42 15.31
CA LEU A 201 18.32 -8.89 14.27
C LEU A 201 19.05 -8.23 13.11
N SER A 202 18.80 -8.72 11.90
CA SER A 202 19.41 -8.16 10.70
C SER A 202 18.32 -8.04 9.63
N ALA A 203 18.50 -7.10 8.71
CA ALA A 203 17.52 -6.88 7.66
C ALA A 203 18.19 -6.48 6.36
N PRO A 204 18.74 -7.45 5.63
CA PRO A 204 19.41 -7.16 4.36
C PRO A 204 18.45 -6.80 3.21
N ARG A 205 18.97 -6.03 2.26
CA ARG A 205 18.23 -5.57 1.09
C ARG A 205 18.02 -6.73 0.10
N ILE A 206 16.92 -6.68 -0.65
CA ILE A 206 16.65 -7.70 -1.66
C ILE A 206 17.14 -7.06 -2.96
N GLN A 207 17.78 -7.84 -3.82
CA GLN A 207 18.33 -7.31 -5.07
C GLN A 207 17.66 -7.86 -6.31
N GLY A 208 17.70 -7.07 -7.39
CA GLY A 208 17.12 -7.53 -8.65
C GLY A 208 15.63 -7.31 -8.83
N LYS A 209 15.11 -6.28 -8.20
CA LYS A 209 13.70 -5.95 -8.32
C LYS A 209 13.48 -5.15 -9.59
N PHE A 210 12.40 -5.45 -10.28
CA PHE A 210 12.05 -4.73 -11.49
C PHE A 210 10.59 -4.31 -11.39
N SER A 211 10.25 -3.85 -10.19
CA SER A 211 8.92 -3.37 -9.82
C SER A 211 9.10 -2.71 -8.46
N LEU A 212 8.48 -1.55 -8.26
CA LEU A 212 8.59 -0.81 -7.01
C LEU A 212 10.07 -0.57 -6.66
N ARG A 213 10.87 -0.19 -7.65
CA ARG A 213 12.30 0.05 -7.45
C ARG A 213 12.62 1.24 -6.55
N ALA A 214 11.75 2.26 -6.54
CA ALA A 214 11.96 3.44 -5.70
C ALA A 214 11.50 3.15 -4.30
N SER A 215 11.38 1.87 -3.97
CA SER A 215 10.95 1.45 -2.66
C SER A 215 12.01 0.52 -2.09
N ALA A 216 12.23 0.58 -0.79
CA ALA A 216 13.23 -0.29 -0.16
C ALA A 216 12.57 -1.58 0.28
N THR A 217 13.15 -2.70 -0.10
CA THR A 217 12.59 -4.01 0.26
C THR A 217 13.69 -4.94 0.74
N GLY A 218 13.44 -5.65 1.84
CA GLY A 218 14.43 -6.58 2.36
C GLY A 218 13.79 -7.64 3.23
N MET A 219 14.63 -8.35 3.98
CA MET A 219 14.16 -9.40 4.88
C MET A 219 14.31 -8.94 6.32
N ILE A 220 13.82 -9.77 7.24
CA ILE A 220 13.93 -9.52 8.67
C ILE A 220 14.41 -10.85 9.21
N ILE A 221 15.71 -10.99 9.45
CA ILE A 221 16.23 -12.24 9.96
C ILE A 221 16.40 -12.15 11.46
N MET A 222 15.79 -13.11 12.17
CA MET A 222 15.84 -13.13 13.63
C MET A 222 16.55 -14.36 14.17
N ASP A 223 17.76 -14.16 14.68
CA ASP A 223 18.57 -15.23 15.27
C ASP A 223 18.52 -15.12 16.79
N GLY A 224 17.54 -15.78 17.40
CA GLY A 224 17.42 -15.74 18.84
C GLY A 224 17.25 -14.34 19.37
N VAL A 225 16.47 -13.52 18.68
CA VAL A 225 16.26 -12.15 19.11
C VAL A 225 15.37 -12.18 20.34
N GLU A 226 15.81 -11.53 21.41
CA GLU A 226 15.05 -11.49 22.66
C GLU A 226 14.19 -10.23 22.77
N VAL A 227 12.90 -10.46 22.98
CA VAL A 227 11.94 -9.38 23.07
C VAL A 227 11.33 -9.24 24.46
N PRO A 228 11.39 -8.02 25.03
CA PRO A 228 10.82 -7.80 26.36
C PRO A 228 9.30 -8.01 26.29
N GLU A 229 8.68 -8.30 27.43
CA GLU A 229 7.24 -8.53 27.43
C GLU A 229 6.43 -7.30 27.06
N GLU A 230 6.90 -6.13 27.45
CA GLU A 230 6.19 -4.90 27.14
C GLU A 230 6.19 -4.56 25.66
N ASN A 231 6.83 -5.40 24.85
CA ASN A 231 6.88 -5.16 23.40
C ASN A 231 5.95 -6.10 22.65
N VAL A 232 5.12 -6.82 23.40
CA VAL A 232 4.18 -7.74 22.79
C VAL A 232 2.86 -7.02 22.64
N LEU A 233 2.33 -7.01 21.41
CA LEU A 233 1.06 -6.37 21.15
C LEU A 233 0.03 -7.18 21.90
N PRO A 234 -0.42 -6.66 23.06
CA PRO A 234 -1.40 -7.28 23.95
C PRO A 234 -2.79 -7.48 23.40
N GLY A 235 -3.10 -6.85 22.26
CA GLY A 235 -4.43 -6.96 21.69
C GLY A 235 -4.69 -7.97 20.57
N ALA A 236 -3.63 -8.50 19.95
CA ALA A 236 -3.79 -9.47 18.87
C ALA A 236 -3.34 -10.86 19.30
N SER A 237 -4.27 -11.81 19.29
CA SER A 237 -3.98 -13.17 19.71
C SER A 237 -4.03 -14.20 18.58
N SER A 238 -4.34 -13.75 17.36
CA SER A 238 -4.38 -14.67 16.23
C SER A 238 -4.29 -13.90 14.90
N LEU A 239 -4.41 -14.61 13.79
CA LEU A 239 -4.32 -13.98 12.47
C LEU A 239 -5.31 -12.83 12.30
N GLY A 240 -6.25 -12.70 13.24
CA GLY A 240 -7.22 -11.62 13.18
C GLY A 240 -6.52 -10.28 13.28
N GLY A 241 -5.43 -10.24 14.04
CA GLY A 241 -4.67 -9.02 14.21
C GLY A 241 -4.08 -8.57 12.89
N PRO A 242 -3.17 -9.36 12.30
CA PRO A 242 -2.56 -8.97 11.02
C PRO A 242 -3.58 -8.72 9.91
N PHE A 243 -4.63 -9.54 9.85
CA PHE A 243 -5.64 -9.37 8.81
C PHE A 243 -6.41 -8.08 9.01
N GLY A 244 -6.61 -7.69 10.27
CA GLY A 244 -7.32 -6.45 10.54
C GLY A 244 -6.55 -5.32 9.90
N CYS A 245 -5.24 -5.37 10.06
CA CYS A 245 -4.35 -4.35 9.50
C CYS A 245 -4.36 -4.44 7.98
N LEU A 246 -4.26 -5.67 7.48
CA LEU A 246 -4.24 -5.92 6.05
C LEU A 246 -5.43 -5.27 5.36
N ASN A 247 -6.59 -5.35 5.99
CA ASN A 247 -7.78 -4.78 5.39
C ASN A 247 -7.73 -3.26 5.25
N ASN A 248 -7.03 -2.60 6.17
CA ASN A 248 -6.95 -1.15 6.10
C ASN A 248 -5.94 -0.75 5.04
N ALA A 249 -4.96 -1.60 4.81
CA ALA A 249 -3.94 -1.34 3.80
C ALA A 249 -4.54 -1.54 2.42
N ARG A 250 -5.27 -2.64 2.25
CA ARG A 250 -5.92 -2.98 1.00
C ARG A 250 -6.91 -1.90 0.58
N TYR A 251 -7.58 -1.31 1.57
CA TYR A 251 -8.52 -0.23 1.30
C TYR A 251 -7.78 0.91 0.61
N GLY A 252 -6.66 1.34 1.19
CA GLY A 252 -5.91 2.42 0.58
C GLY A 252 -5.34 2.08 -0.79
N ILE A 253 -4.97 0.82 -0.98
CA ILE A 253 -4.42 0.34 -2.25
C ILE A 253 -5.49 0.41 -3.34
N ALA A 254 -6.74 0.14 -2.98
CA ALA A 254 -7.85 0.20 -3.93
C ALA A 254 -7.94 1.60 -4.51
N TRP A 255 -7.80 2.62 -3.65
CA TRP A 255 -7.83 4.01 -4.11
C TRP A 255 -6.56 4.25 -4.89
N GLY A 256 -5.43 4.08 -4.21
CA GLY A 256 -4.12 4.29 -4.81
C GLY A 256 -3.95 3.98 -6.29
N VAL A 257 -4.08 2.72 -6.67
CA VAL A 257 -3.90 2.31 -8.06
C VAL A 257 -4.70 3.12 -9.07
N LEU A 258 -5.78 3.75 -8.62
CA LEU A 258 -6.60 4.55 -9.52
C LEU A 258 -5.85 5.82 -9.93
N GLY A 259 -5.01 6.33 -9.03
CA GLY A 259 -4.23 7.50 -9.35
C GLY A 259 -3.21 7.10 -10.41
N ALA A 260 -2.65 5.91 -10.24
CA ALA A 260 -1.66 5.39 -11.17
C ALA A 260 -2.32 5.26 -12.55
N SER A 261 -3.54 4.71 -12.57
CA SER A 261 -4.28 4.54 -13.82
C SER A 261 -4.55 5.90 -14.45
N GLU A 262 -5.03 6.84 -13.64
CA GLU A 262 -5.32 8.17 -14.12
C GLU A 262 -4.11 8.82 -14.79
N PHE A 263 -2.93 8.67 -14.18
CA PHE A 263 -1.72 9.22 -14.79
C PHE A 263 -1.50 8.60 -16.17
N CYS A 264 -1.72 7.30 -16.27
CA CYS A 264 -1.55 6.62 -17.55
C CYS A 264 -2.55 7.14 -18.60
N LEU A 265 -3.82 7.26 -18.22
CA LEU A 265 -4.83 7.76 -19.12
C LEU A 265 -4.48 9.15 -19.65
N HIS A 266 -4.07 10.03 -18.75
CA HIS A 266 -3.71 11.40 -19.11
C HIS A 266 -2.51 11.44 -20.03
N THR A 267 -1.52 10.63 -19.71
CA THR A 267 -0.32 10.60 -20.52
C THR A 267 -0.67 10.06 -21.89
N ALA A 268 -1.42 8.97 -21.94
CA ALA A 268 -1.81 8.37 -23.21
C ALA A 268 -2.64 9.36 -24.03
N ARG A 269 -3.64 9.96 -23.40
CA ARG A 269 -4.47 10.93 -24.10
C ARG A 269 -3.64 12.04 -24.75
N GLN A 270 -2.77 12.68 -23.97
CA GLN A 270 -1.94 13.75 -24.50
C GLN A 270 -1.08 13.28 -25.66
N TYR A 271 -0.42 12.15 -25.45
CA TYR A 271 0.44 11.59 -26.47
C TYR A 271 -0.35 11.39 -27.76
N ALA A 272 -1.61 10.98 -27.62
CA ALA A 272 -2.45 10.73 -28.78
C ALA A 272 -2.75 12.03 -29.53
N LEU A 273 -2.79 13.12 -28.79
CA LEU A 273 -3.06 14.43 -29.38
C LEU A 273 -1.83 15.07 -29.97
N ASP A 274 -0.69 14.92 -29.28
CA ASP A 274 0.54 15.52 -29.75
C ASP A 274 1.26 14.75 -30.83
N ARG A 275 1.28 13.43 -30.69
CA ARG A 275 1.96 12.57 -31.65
C ARG A 275 1.13 12.42 -32.92
N MET A 276 1.80 12.47 -34.07
CA MET A 276 1.11 12.33 -35.34
C MET A 276 1.77 11.36 -36.29
N GLN A 277 0.94 10.57 -36.95
CA GLN A 277 1.40 9.61 -37.94
C GLN A 277 0.34 9.56 -39.03
N PHE A 278 0.77 9.30 -40.26
CA PHE A 278 -0.15 9.24 -41.39
C PHE A 278 -0.87 10.59 -41.54
N GLY A 279 -0.19 11.65 -41.16
CA GLY A 279 -0.76 12.98 -41.30
C GLY A 279 -1.49 13.55 -40.11
N VAL A 280 -2.40 12.79 -39.53
CA VAL A 280 -3.17 13.27 -38.39
C VAL A 280 -2.66 12.77 -37.05
N PRO A 281 -3.23 13.30 -35.96
CA PRO A 281 -2.80 12.87 -34.62
C PRO A 281 -3.32 11.48 -34.36
N LEU A 282 -2.57 10.70 -33.58
CA LEU A 282 -2.98 9.35 -33.26
C LEU A 282 -4.39 9.30 -32.70
N ALA A 283 -4.78 10.33 -31.94
CA ALA A 283 -6.11 10.39 -31.33
C ALA A 283 -7.28 10.37 -32.32
N ARG A 284 -6.97 10.45 -33.61
CA ARG A 284 -7.99 10.45 -34.64
C ARG A 284 -8.40 9.03 -35.06
N ASN A 285 -7.59 8.04 -34.71
CA ASN A 285 -7.90 6.65 -35.09
C ASN A 285 -8.86 5.97 -34.15
N GLN A 286 -9.80 5.20 -34.72
CA GLN A 286 -10.79 4.48 -33.93
C GLN A 286 -10.19 3.55 -32.90
N LEU A 287 -9.14 2.83 -33.28
CA LEU A 287 -8.49 1.91 -32.35
C LEU A 287 -7.97 2.62 -31.10
N ILE A 288 -7.38 3.78 -31.29
CA ILE A 288 -6.84 4.55 -30.19
C ILE A 288 -7.95 5.04 -29.26
N GLN A 289 -8.99 5.60 -29.85
CA GLN A 289 -10.11 6.12 -29.09
C GLN A 289 -10.83 5.09 -28.24
N LYS A 290 -11.06 3.90 -28.78
CA LYS A 290 -11.77 2.89 -28.01
C LYS A 290 -10.99 2.58 -26.75
N LYS A 291 -9.66 2.57 -26.88
CA LYS A 291 -8.80 2.26 -25.74
C LYS A 291 -8.98 3.31 -24.65
N LEU A 292 -8.93 4.58 -25.05
CA LEU A 292 -9.10 5.66 -24.10
C LEU A 292 -10.46 5.51 -23.41
N ALA A 293 -11.46 5.11 -24.18
CA ALA A 293 -12.79 4.93 -23.61
C ALA A 293 -12.79 3.87 -22.53
N ASP A 294 -12.20 2.72 -22.82
CA ASP A 294 -12.14 1.63 -21.86
C ASP A 294 -11.40 2.00 -20.57
N MET A 295 -10.32 2.76 -20.70
CA MET A 295 -9.57 3.16 -19.52
C MET A 295 -10.47 4.02 -18.63
N LEU A 296 -10.99 5.11 -19.18
CA LEU A 296 -11.86 6.01 -18.42
C LEU A 296 -13.02 5.27 -17.78
N THR A 297 -13.62 4.35 -18.53
CA THR A 297 -14.76 3.59 -18.03
C THR A 297 -14.42 2.84 -16.75
N GLU A 298 -13.34 2.06 -16.81
CA GLU A 298 -12.93 1.28 -15.65
C GLU A 298 -12.51 2.14 -14.49
N ILE A 299 -11.80 3.22 -14.76
CA ILE A 299 -11.35 4.11 -13.70
C ILE A 299 -12.56 4.66 -12.94
N THR A 300 -13.52 5.17 -13.68
CA THR A 300 -14.74 5.74 -13.11
C THR A 300 -15.51 4.77 -12.19
N LEU A 301 -15.76 3.56 -12.67
CA LEU A 301 -16.49 2.58 -11.86
C LEU A 301 -15.76 2.36 -10.55
N GLY A 302 -14.42 2.28 -10.63
CA GLY A 302 -13.61 2.04 -9.46
C GLY A 302 -13.65 3.19 -8.47
N LEU A 303 -13.57 4.42 -8.99
CA LEU A 303 -13.58 5.62 -8.16
C LEU A 303 -14.82 5.75 -7.28
N HIS A 304 -15.99 5.63 -7.90
CA HIS A 304 -17.23 5.74 -7.15
C HIS A 304 -17.48 4.56 -6.24
N ALA A 305 -16.91 3.42 -6.56
CA ALA A 305 -17.09 2.27 -5.71
C ALA A 305 -16.25 2.54 -4.47
N CYS A 306 -15.01 2.99 -4.67
CA CYS A 306 -14.12 3.32 -3.56
C CYS A 306 -14.74 4.35 -2.61
N LEU A 307 -15.36 5.38 -3.17
CA LEU A 307 -16.00 6.41 -2.37
C LEU A 307 -16.98 5.75 -1.39
N GLN A 308 -17.88 4.95 -1.95
CA GLN A 308 -18.89 4.25 -1.16
C GLN A 308 -18.28 3.49 0.00
N LEU A 309 -17.28 2.65 -0.30
CA LEU A 309 -16.62 1.86 0.72
C LEU A 309 -16.08 2.79 1.82
N GLY A 310 -15.45 3.87 1.41
CA GLY A 310 -14.89 4.81 2.37
C GLY A 310 -15.95 5.32 3.33
N ARG A 311 -17.12 5.64 2.79
CA ARG A 311 -18.23 6.13 3.60
C ARG A 311 -18.74 5.02 4.51
N LEU A 312 -18.82 3.81 3.98
CA LEU A 312 -19.30 2.69 4.78
C LEU A 312 -18.32 2.34 5.88
N LYS A 313 -17.04 2.60 5.60
CA LYS A 313 -15.97 2.31 6.55
C LYS A 313 -16.07 3.24 7.74
N ASP A 314 -16.18 4.54 7.47
CA ASP A 314 -16.28 5.52 8.53
C ASP A 314 -17.52 5.24 9.37
N GLN A 315 -18.46 4.47 8.81
CA GLN A 315 -19.70 4.12 9.50
C GLN A 315 -19.56 2.80 10.22
N ASP A 316 -18.38 2.21 10.15
CA ASP A 316 -18.18 0.91 10.78
C ASP A 316 -19.15 -0.08 10.16
N LYS A 317 -19.30 0.00 8.84
CA LYS A 317 -20.20 -0.89 8.10
C LYS A 317 -19.46 -1.62 6.98
N ALA A 318 -18.15 -1.41 6.88
CA ALA A 318 -17.36 -2.04 5.84
C ALA A 318 -16.90 -3.43 6.26
N ALA A 319 -17.09 -4.41 5.39
CA ALA A 319 -16.69 -5.79 5.64
C ALA A 319 -15.48 -6.15 4.79
N PRO A 320 -14.65 -7.06 5.30
CA PRO A 320 -13.44 -7.52 4.61
C PRO A 320 -13.65 -7.85 3.14
N GLU A 321 -14.74 -8.56 2.85
CA GLU A 321 -15.07 -8.95 1.49
C GLU A 321 -15.19 -7.71 0.59
N MET A 322 -15.85 -6.67 1.10
CA MET A 322 -16.02 -5.43 0.37
C MET A 322 -14.68 -4.92 -0.12
N VAL A 323 -13.68 -4.97 0.76
CA VAL A 323 -12.34 -4.52 0.41
C VAL A 323 -11.68 -5.47 -0.58
N SER A 324 -11.90 -6.76 -0.39
CA SER A 324 -11.31 -7.72 -1.32
C SER A 324 -11.87 -7.41 -2.69
N LEU A 325 -13.16 -7.09 -2.75
CA LEU A 325 -13.80 -6.82 -4.03
C LEU A 325 -13.17 -5.64 -4.76
N LEU A 326 -12.97 -4.53 -4.09
CA LEU A 326 -12.39 -3.39 -4.78
C LEU A 326 -10.88 -3.49 -4.99
N LYS A 327 -10.18 -4.09 -4.05
CA LYS A 327 -8.74 -4.23 -4.18
C LYS A 327 -8.42 -5.13 -5.38
N ARG A 328 -9.12 -6.25 -5.45
CA ARG A 328 -8.92 -7.18 -6.54
C ARG A 328 -9.25 -6.51 -7.87
N ASN A 329 -10.44 -5.90 -7.94
CA ASN A 329 -10.86 -5.24 -9.15
C ASN A 329 -9.88 -4.17 -9.59
N ASN A 330 -9.77 -3.12 -8.80
CA ASN A 330 -8.90 -2.00 -9.15
C ASN A 330 -7.44 -2.34 -9.48
N CYS A 331 -6.85 -3.28 -8.76
CA CYS A 331 -5.47 -3.63 -9.03
C CYS A 331 -5.35 -4.32 -10.38
N GLY A 332 -6.32 -5.17 -10.70
CA GLY A 332 -6.29 -5.85 -11.98
C GLY A 332 -6.52 -4.89 -13.12
N LYS A 333 -7.59 -4.11 -13.04
CA LYS A 333 -7.90 -3.16 -14.09
C LYS A 333 -6.77 -2.16 -14.29
N ALA A 334 -6.20 -1.68 -13.19
CA ALA A 334 -5.12 -0.71 -13.28
C ALA A 334 -4.01 -1.25 -14.15
N LEU A 335 -3.70 -2.52 -13.95
CA LEU A 335 -2.65 -3.17 -14.74
C LEU A 335 -2.93 -3.07 -16.23
N ASP A 336 -4.12 -3.48 -16.64
CA ASP A 336 -4.46 -3.43 -18.06
C ASP A 336 -4.33 -2.03 -18.65
N ILE A 337 -4.73 -1.03 -17.86
CA ILE A 337 -4.65 0.36 -18.29
C ILE A 337 -3.20 0.75 -18.51
N ALA A 338 -2.34 0.45 -17.53
CA ALA A 338 -0.93 0.79 -17.66
C ALA A 338 -0.39 0.15 -18.93
N ARG A 339 -0.67 -1.14 -19.10
CA ARG A 339 -0.21 -1.89 -20.26
C ARG A 339 -0.71 -1.37 -21.60
N GLN A 340 -1.95 -0.90 -21.65
CA GLN A 340 -2.48 -0.36 -22.90
C GLN A 340 -1.75 0.95 -23.16
N ALA A 341 -1.53 1.71 -22.09
CA ALA A 341 -0.85 2.99 -22.18
C ALA A 341 0.53 2.79 -22.78
N ARG A 342 1.24 1.79 -22.28
CA ARG A 342 2.57 1.49 -22.74
C ARG A 342 2.55 1.22 -24.23
N ASP A 343 1.62 0.39 -24.67
CA ASP A 343 1.47 0.02 -26.07
C ASP A 343 1.14 1.24 -26.94
N MET A 344 0.40 2.19 -26.37
CA MET A 344 0.02 3.38 -27.12
C MET A 344 1.14 4.37 -27.37
N LEU A 345 2.18 4.37 -26.55
CA LEU A 345 3.30 5.30 -26.77
C LEU A 345 4.31 4.69 -27.74
N GLY A 346 4.06 3.46 -28.18
CA GLY A 346 4.97 2.82 -29.10
C GLY A 346 6.36 2.63 -28.50
N GLY A 347 7.38 2.79 -29.34
CA GLY A 347 8.76 2.63 -28.89
C GLY A 347 9.06 3.45 -27.65
N ASN A 348 8.60 4.70 -27.64
CA ASN A 348 8.82 5.58 -26.51
C ASN A 348 8.29 4.97 -25.22
N GLY A 349 7.20 4.22 -25.33
CA GLY A 349 6.60 3.58 -24.17
C GLY A 349 7.51 2.73 -23.29
N ILE A 350 8.62 2.23 -23.82
CA ILE A 350 9.52 1.41 -23.00
C ILE A 350 10.60 2.23 -22.28
N SER A 351 10.56 3.55 -22.43
CA SER A 351 11.52 4.44 -21.79
C SER A 351 10.96 5.04 -20.49
N ASP A 352 11.69 4.89 -19.39
CA ASP A 352 11.21 5.43 -18.12
C ASP A 352 11.04 6.95 -18.22
N GLU A 353 11.66 7.52 -19.24
CA GLU A 353 11.60 8.96 -19.50
C GLU A 353 10.12 9.33 -19.73
N TYR A 354 9.32 8.35 -20.12
CA TYR A 354 7.90 8.56 -20.37
C TYR A 354 7.01 8.00 -19.27
N HIS A 355 7.63 7.46 -18.22
CA HIS A 355 6.94 6.95 -17.04
C HIS A 355 5.97 5.78 -17.08
N VAL A 356 5.17 5.65 -18.14
CA VAL A 356 4.21 4.56 -18.19
C VAL A 356 4.82 3.19 -17.89
N ILE A 357 5.98 2.90 -18.45
CA ILE A 357 6.65 1.63 -18.23
C ILE A 357 6.87 1.41 -16.73
N ARG A 358 7.18 2.48 -15.99
CA ARG A 358 7.41 2.38 -14.55
C ARG A 358 6.14 1.97 -13.84
N HIS A 359 5.02 2.55 -14.26
CA HIS A 359 3.73 2.23 -13.68
C HIS A 359 3.33 0.78 -14.01
N ALA A 360 3.49 0.37 -15.26
CA ALA A 360 3.13 -0.98 -15.67
C ALA A 360 3.87 -1.98 -14.79
N MET A 361 5.15 -1.73 -14.56
CA MET A 361 5.96 -2.61 -13.74
C MET A 361 5.59 -2.57 -12.25
N ASN A 362 5.25 -1.39 -11.73
CA ASN A 362 4.90 -1.28 -10.33
C ASN A 362 3.60 -2.02 -10.02
N LEU A 363 2.59 -1.82 -10.88
CA LEU A 363 1.28 -2.43 -10.70
C LEU A 363 1.35 -3.94 -10.75
N GLU A 364 2.48 -4.45 -11.22
CA GLU A 364 2.69 -5.88 -11.31
C GLU A 364 2.79 -6.42 -9.88
N ALA A 365 3.62 -5.77 -9.06
CA ALA A 365 3.81 -6.18 -7.67
C ALA A 365 2.57 -5.86 -6.83
N VAL A 366 1.95 -4.73 -7.13
CA VAL A 366 0.76 -4.30 -6.40
C VAL A 366 -0.36 -5.33 -6.53
N ASN A 367 -0.56 -5.84 -7.74
CA ASN A 367 -1.61 -6.84 -7.97
C ASN A 367 -1.30 -8.18 -7.30
N THR A 368 -0.07 -8.31 -6.79
CA THR A 368 0.38 -9.53 -6.13
C THR A 368 0.34 -9.47 -4.61
N TYR A 369 0.93 -8.43 -4.03
CA TYR A 369 0.94 -8.34 -2.57
C TYR A 369 -0.40 -7.91 -1.97
N GLU A 370 -0.55 -8.13 -0.67
CA GLU A 370 -1.79 -7.80 0.03
C GLU A 370 -2.89 -8.66 -0.58
N GLY A 371 -2.54 -9.90 -0.91
CA GLY A 371 -3.49 -10.83 -1.50
C GLY A 371 -3.46 -10.82 -3.02
N THR A 372 -3.07 -11.93 -3.61
CA THR A 372 -3.01 -12.03 -5.08
C THR A 372 -4.39 -11.87 -5.69
N HIS A 373 -4.43 -11.53 -6.97
CA HIS A 373 -5.70 -11.36 -7.67
C HIS A 373 -6.64 -12.57 -7.47
N ASP A 374 -6.12 -13.80 -7.60
CA ASP A 374 -6.97 -14.98 -7.43
C ASP A 374 -7.37 -15.26 -6.00
N ILE A 375 -6.46 -15.04 -5.06
CA ILE A 375 -6.77 -15.30 -3.66
C ILE A 375 -7.98 -14.46 -3.24
N HIS A 376 -8.02 -13.22 -3.70
CA HIS A 376 -9.13 -12.34 -3.38
C HIS A 376 -10.41 -12.85 -4.01
N ALA A 377 -10.28 -13.68 -5.04
CA ALA A 377 -11.45 -14.23 -5.70
C ALA A 377 -11.98 -15.36 -4.86
N LEU A 378 -11.09 -16.21 -4.34
CA LEU A 378 -11.52 -17.33 -3.49
C LEU A 378 -12.19 -16.76 -2.24
N ILE A 379 -11.70 -15.60 -1.80
CA ILE A 379 -12.27 -14.95 -0.62
C ILE A 379 -13.72 -14.55 -0.93
N LEU A 380 -13.92 -13.89 -2.06
CA LEU A 380 -15.26 -13.48 -2.47
C LEU A 380 -16.12 -14.71 -2.66
N GLY A 381 -15.52 -15.73 -3.24
CA GLY A 381 -16.24 -16.98 -3.49
C GLY A 381 -16.69 -17.69 -2.24
N ARG A 382 -15.88 -17.64 -1.19
CA ARG A 382 -16.24 -18.29 0.08
C ARG A 382 -17.46 -17.58 0.64
N ALA A 383 -17.47 -16.26 0.50
CA ALA A 383 -18.57 -15.44 0.98
C ALA A 383 -19.83 -15.66 0.17
N ILE A 384 -19.67 -15.77 -1.14
CA ILE A 384 -20.81 -15.99 -2.02
C ILE A 384 -21.46 -17.36 -1.89
N THR A 385 -20.65 -18.40 -1.75
CA THR A 385 -21.20 -19.76 -1.65
C THR A 385 -21.27 -20.32 -0.25
N GLY A 386 -20.41 -19.83 0.63
CA GLY A 386 -20.39 -20.34 1.98
C GLY A 386 -19.53 -21.59 2.01
N ILE A 387 -18.83 -21.85 0.91
CA ILE A 387 -17.95 -23.01 0.81
C ILE A 387 -16.54 -22.54 0.48
N GLN A 388 -15.59 -23.02 1.27
CA GLN A 388 -14.20 -22.68 1.08
C GLN A 388 -13.57 -23.50 -0.06
N ALA A 389 -12.69 -22.85 -0.82
CA ALA A 389 -12.05 -23.53 -1.93
C ALA A 389 -10.56 -23.25 -2.00
N PHE A 390 -9.96 -22.91 -0.87
CA PHE A 390 -8.53 -22.65 -0.87
C PHE A 390 -7.74 -23.94 -0.90
N THR A 391 -8.20 -24.93 -0.12
CA THR A 391 -7.53 -26.22 -0.04
C THR A 391 -8.38 -27.34 -0.63
N ALA A 392 -7.88 -28.57 -0.54
CA ALA A 392 -8.58 -29.74 -1.05
C ALA A 392 -9.28 -30.49 0.09
PA FAD B . 2.34 -17.46 -3.39
O1A FAD B . 1.44 -17.28 -2.22
O2A FAD B . 3.20 -18.67 -3.35
O5B FAD B . 1.48 -17.52 -4.73
C5B FAD B . 2.00 -17.68 -6.05
C4B FAD B . 0.90 -17.73 -7.17
O4B FAD B . 0.12 -18.85 -6.76
C3B FAD B . -0.04 -16.51 -7.26
O3B FAD B . -0.50 -16.38 -8.67
C2B FAD B . -1.22 -16.98 -6.36
O2B FAD B . -2.50 -16.38 -6.63
C1B FAD B . -1.25 -18.49 -6.56
N9A FAD B . -1.86 -19.26 -5.42
C8A FAD B . -1.45 -19.46 -4.09
N7A FAD B . -2.26 -20.20 -3.39
C5A FAD B . -3.24 -20.52 -4.25
C6A FAD B . -4.49 -21.35 -4.15
N6A FAD B . -4.83 -21.95 -3.02
N1A FAD B . -5.39 -21.50 -5.36
C2A FAD B . -5.09 -20.88 -6.60
N3A FAD B . -3.87 -20.06 -6.75
C4A FAD B . -3.01 -19.94 -5.57
N1 FAD B . 4.74 -9.16 2.93
C2 FAD B . 4.71 -8.62 4.24
O2 FAD B . 4.34 -9.31 5.14
N3 FAD B . 5.15 -7.22 4.38
C4 FAD B . 5.61 -6.32 3.31
O4 FAD B . 5.94 -5.19 3.62
C4X FAD B . 5.65 -6.91 1.98
N5 FAD B . 6.12 -6.12 0.93
C5X FAD B . 6.19 -6.68 -0.42
C6 FAD B . 6.75 -5.74 -1.44
C7 FAD B . 6.91 -6.19 -2.88
C7M FAD B . 7.48 -5.16 -3.81
C8 FAD B . 6.49 -7.60 -3.24
C8M FAD B . 6.49 -8.40 -4.51
C9 FAD B . 5.94 -8.54 -2.23
C9A FAD B . 5.80 -8.07 -0.79
N10 FAD B . 5.25 -8.96 0.41
C10 FAD B . 5.18 -8.41 1.81
C1' FAD B . 4.88 -10.30 0.00
C2' FAD B . 3.41 -10.42 -0.22
O2' FAD B . 2.54 -10.14 0.85
C3' FAD B . 3.32 -11.94 -0.64
O3' FAD B . 3.86 -12.02 -2.09
C4' FAD B . 1.83 -12.41 -0.92
O4' FAD B . 1.00 -12.44 0.36
C5' FAD B . 1.85 -13.88 -1.32
O5' FAD B . 2.47 -14.46 -2.40
P FAD B . 3.81 -15.26 -2.46
O1P FAD B . 4.90 -14.36 -2.94
O2P FAD B . 4.14 -16.04 -1.27
O3P FAD B . 3.44 -16.33 -3.52
P31 NBC C . -9.78 -17.60 7.81
O33 NBC C . -11.00 -18.45 7.57
O34 NBC C . -9.73 -16.28 7.10
O23 NBC C . -9.62 -17.34 9.40
C19 NBC C . -8.58 -16.58 10.07
C18 NBC C . -9.13 -15.44 11.04
O22 NBC C . -8.90 -14.24 10.26
C15 NBC C . -10.14 -13.47 10.10
N9 NBC C . -10.17 -12.69 8.78
C4 NBC C . -10.13 -11.33 8.78
N3 NBC C . -10.04 -10.41 9.92
C2 NBC C . -10.00 -8.95 9.61
N1 NBC C . -10.05 -8.52 8.25
C6 NBC C . -10.14 -9.50 7.08
N6 NBC C . -10.17 -9.01 5.85
C5 NBC C . -10.18 -10.98 7.34
N7 NBC C . -10.26 -12.09 6.55
C8 NBC C . -10.25 -13.09 7.41
C16 NBC C . -11.25 -14.52 10.29
O20 NBC C . -12.55 -13.91 10.58
C17 NBC C . -10.64 -15.45 11.42
O21 NBC C . -10.78 -14.81 12.76
P39 NBC C . -11.07 -15.01 14.39
O40 NBC C . -12.47 -15.64 14.55
O41 NBC C . -9.95 -15.94 14.96
O42 NBC C . -10.98 -13.56 14.96
O32 NBC C . -8.38 -18.43 7.38
P35 NBC C . -8.27 -19.49 6.15
O36 NBC C . -8.05 -20.93 6.82
O37 NBC C . -9.56 -19.66 5.29
O38 NBC C . -7.03 -19.29 5.06
C46 NBC C . -7.09 -18.23 4.05
C45 NBC C . -6.31 -16.91 4.28
C53 NBC C . -6.37 -16.63 5.82
C57 NBC C . -4.92 -17.19 3.83
C44 NBC C . -6.91 -15.69 3.44
O52 NBC C . -8.27 -15.44 3.89
C43 NBC C . -6.12 -14.27 3.62
O51 NBC C . -6.75 -13.28 4.08
N68 NBC C . -4.78 -14.10 3.33
C62 NBC C . -4.32 -14.21 1.97
C61 NBC C . -2.88 -13.70 1.86
C69 NBC C . -2.60 -12.42 2.72
O72 NBC C . -3.56 -12.06 3.52
N71 NBC C . -1.26 -11.81 2.55
C74 NBC C . -0.87 -10.57 3.20
C73 NBC C . 0.31 -9.86 2.74
S81 NBC C . 1.16 -8.43 3.48
C1' NBC C . 1.72 -7.19 2.30
O1' NBC C . 1.44 -7.52 1.12
C2' NBC C . 2.44 -5.92 2.69
C3' NBC C . 2.44 -4.87 1.62
C4' NBC C . 2.24 -3.43 1.89
N5' NBC C . 2.61 -2.46 0.93
O2' NBC C . 1.67 -1.63 0.51
O3' NBC C . 3.80 -2.38 0.49
#